data_5V80
#
_entry.id   5V80
#
_cell.length_a   97.669
_cell.length_b   97.669
_cell.length_c   80.579
_cell.angle_alpha   90.000
_cell.angle_beta   90.000
_cell.angle_gamma   120.000
#
_symmetry.space_group_name_H-M   'P 65'
#
loop_
_entity.id
_entity.type
_entity.pdbx_description
1 polymer 'Serine/threonine-protein kinase pim-1'
2 non-polymer 'PHOSPHATE ION'
3 non-polymer 1-methyl-4-{3-[6-(piperazin-1-yl)pyridin-2-yl]-1H-pyrazolo[3,4-c]pyridin-5-yl}piperazin-2-one
4 water water
#
_entity_poly.entity_id   1
_entity_poly.type   'polypeptide(L)'
_entity_poly.pdbx_seq_one_letter_code
;MKEKEPLESQYQVGPLLGSGGFGSVYSGIRVSDNLPVAIKHVEKDRISDWGELPNGTRVPMEVVLLKKVSSGFSGVIRLL
DWFERPDSFVLILERPEPVQDLFDFITERGALQEELARSFFWQVLEAVRHCHNCGVLHRDIKDENILIDLNRGELKLIDF
GSGALLKDTVYTDFDGTRVYSPPEWIRYHRYHGRSAAVWSLGILLYDMVCGDIPFEHDEEIIRGQVFFRQRVSSECQHLI
RWCLALRPSDRPTFEEIQNHPWMQDVLLPQETAEIHLHSLSPGPSKKLAAALEHHHHHH
;
_entity_poly.pdbx_strand_id   A
#
loop_
_chem_comp.id
_chem_comp.type
_chem_comp.name
_chem_comp.formula
971 non-polymer 1-methyl-4-{3-[6-(piperazin-1-yl)pyridin-2-yl]-1H-pyrazolo[3,4-c]pyridin-5-yl}piperazin-2-one 'C20 H24 N8 O'
PO4 non-polymer 'PHOSPHATE ION' 'O4 P -3'
#
# COMPACT_ATOMS: atom_id res chain seq x y z
N PRO A 6 -26.46 14.63 -3.12
CA PRO A 6 -27.06 13.31 -2.97
C PRO A 6 -26.26 12.25 -3.74
N LEU A 7 -25.41 11.50 -3.04
CA LEU A 7 -24.57 10.50 -3.67
C LEU A 7 -25.42 9.42 -4.35
N GLU A 8 -26.65 9.27 -3.88
CA GLU A 8 -27.57 8.26 -4.40
C GLU A 8 -27.76 8.42 -5.91
N SER A 9 -27.88 9.67 -6.36
CA SER A 9 -28.17 9.94 -7.77
C SER A 9 -26.93 10.22 -8.62
N GLN A 10 -25.82 10.57 -7.96
CA GLN A 10 -24.59 10.89 -8.68
C GLN A 10 -23.83 9.66 -9.18
N TYR A 11 -24.10 8.51 -8.57
CA TYR A 11 -23.35 7.31 -8.91
C TYR A 11 -24.25 6.12 -9.17
N GLN A 12 -23.93 5.37 -10.22
CA GLN A 12 -24.58 4.10 -10.49
C GLN A 12 -23.77 3.02 -9.77
N VAL A 13 -24.38 2.41 -8.76
CA VAL A 13 -23.67 1.43 -7.94
C VAL A 13 -23.62 0.07 -8.63
N GLY A 14 -22.42 -0.51 -8.68
CA GLY A 14 -22.26 -1.82 -9.27
C GLY A 14 -22.11 -2.91 -8.22
N PRO A 15 -21.36 -3.97 -8.57
CA PRO A 15 -21.10 -5.13 -7.71
C PRO A 15 -20.12 -4.83 -6.58
N LEU A 16 -20.23 -5.59 -5.51
CA LEU A 16 -19.28 -5.53 -4.41
C LEU A 16 -17.90 -5.99 -4.90
N LEU A 17 -16.90 -5.13 -4.75
CA LEU A 17 -15.52 -5.48 -5.10
C LEU A 17 -14.85 -6.31 -3.99
N GLY A 18 -15.11 -5.92 -2.75
CA GLY A 18 -14.60 -6.65 -1.60
C GLY A 18 -15.05 -6.05 -0.29
N SER A 19 -14.75 -6.74 0.80
CA SER A 19 -15.00 -6.18 2.13
C SER A 19 -14.18 -6.94 3.16
N GLY A 20 -13.97 -6.31 4.31
CA GLY A 20 -13.20 -6.91 5.37
C GLY A 20 -12.97 -5.91 6.48
N GLY A 21 -11.71 -5.76 6.88
CA GLY A 21 -11.36 -4.81 7.92
C GLY A 21 -11.60 -3.37 7.49
N PHE A 22 -11.53 -3.13 6.18
CA PHE A 22 -11.63 -1.78 5.64
C PHE A 22 -13.07 -1.29 5.46
N GLY A 23 -14.04 -2.20 5.50
CA GLY A 23 -15.43 -1.87 5.22
C GLY A 23 -15.91 -2.58 3.96
N SER A 24 -16.76 -1.91 3.17
CA SER A 24 -17.28 -2.53 1.94
C SER A 24 -17.05 -1.59 0.77
N VAL A 25 -16.56 -2.13 -0.33
CA VAL A 25 -16.20 -1.32 -1.48
C VAL A 25 -16.90 -1.85 -2.72
N TYR A 26 -17.63 -0.96 -3.40
CA TYR A 26 -18.41 -1.35 -4.56
C TYR A 26 -17.86 -0.73 -5.82
N SER A 27 -18.08 -1.39 -6.95
CA SER A 27 -17.77 -0.82 -8.23
C SER A 27 -18.86 0.18 -8.54
N GLY A 28 -18.49 1.27 -9.19
CA GLY A 28 -19.45 2.32 -9.48
C GLY A 28 -19.08 3.10 -10.71
N ILE A 29 -20.00 3.96 -11.13
CA ILE A 29 -19.77 4.82 -12.28
C ILE A 29 -20.34 6.18 -11.95
N ARG A 30 -19.53 7.21 -12.13
CA ARG A 30 -20.03 8.56 -11.91
C ARG A 30 -21.00 8.87 -13.03
N VAL A 31 -22.23 9.19 -12.66
CA VAL A 31 -23.28 9.40 -13.64
C VAL A 31 -22.95 10.55 -14.60
N SER A 32 -22.34 11.60 -14.08
CA SER A 32 -22.08 12.80 -14.86
C SER A 32 -21.22 12.57 -16.11
N ASP A 33 -20.22 11.69 -16.02
CA ASP A 33 -19.31 11.49 -17.13
C ASP A 33 -18.90 10.02 -17.33
N ASN A 34 -19.55 9.11 -16.63
CA ASN A 34 -19.26 7.69 -16.76
C ASN A 34 -17.87 7.29 -16.26
N LEU A 35 -17.23 8.14 -15.46
CA LEU A 35 -15.94 7.78 -14.89
C LEU A 35 -16.09 6.57 -13.96
N PRO A 36 -15.30 5.52 -14.18
CA PRO A 36 -15.31 4.39 -13.26
C PRO A 36 -14.85 4.81 -11.86
N VAL A 37 -15.55 4.36 -10.83
CA VAL A 37 -15.20 4.72 -9.45
C VAL A 37 -15.30 3.51 -8.52
N ALA A 38 -14.77 3.68 -7.30
CA ALA A 38 -14.95 2.70 -6.25
C ALA A 38 -15.63 3.42 -5.11
N ILE A 39 -16.67 2.81 -4.56
CA ILE A 39 -17.45 3.44 -3.52
C ILE A 39 -17.22 2.66 -2.23
N LYS A 40 -16.57 3.30 -1.28
CA LYS A 40 -16.21 2.63 -0.04
C LYS A 40 -17.07 3.11 1.12
N HIS A 41 -17.68 2.15 1.81
CA HIS A 41 -18.50 2.47 2.98
C HIS A 41 -17.78 2.03 4.23
N VAL A 42 -17.71 2.92 5.22
CA VAL A 42 -17.15 2.58 6.51
C VAL A 42 -18.10 2.99 7.63
N GLU A 43 -18.42 2.05 8.52
CA GLU A 43 -19.31 2.34 9.64
C GLU A 43 -18.58 3.18 10.69
N LYS A 44 -19.27 4.16 11.24
CA LYS A 44 -18.68 5.03 12.25
C LYS A 44 -18.32 4.28 13.53
N ASP A 45 -19.16 3.33 13.91
CA ASP A 45 -18.93 2.54 15.11
C ASP A 45 -17.60 1.80 15.03
N ARG A 46 -17.11 1.60 13.81
CA ARG A 46 -15.87 0.85 13.61
C ARG A 46 -14.68 1.74 13.30
N ILE A 47 -14.90 3.06 13.30
CA ILE A 47 -13.83 4.01 13.06
C ILE A 47 -13.07 4.29 14.35
N SER A 48 -11.83 3.81 14.42
CA SER A 48 -11.02 3.94 15.63
C SER A 48 -10.31 5.29 15.68
N ASP A 49 -9.62 5.64 14.59
CA ASP A 49 -8.85 6.88 14.52
C ASP A 49 -9.59 7.98 13.78
N TRP A 50 -9.85 9.08 14.48
CA TRP A 50 -10.55 10.21 13.89
C TRP A 50 -9.61 11.38 13.67
N GLY A 51 -9.98 12.26 12.74
CA GLY A 51 -9.19 13.44 12.44
C GLY A 51 -10.06 14.64 12.16
N GLU A 52 -9.43 15.76 11.82
CA GLU A 52 -10.15 17.01 11.61
C GLU A 52 -9.75 17.66 10.31
N LEU A 53 -10.73 18.18 9.58
CA LEU A 53 -10.46 18.97 8.39
C LEU A 53 -10.09 20.39 8.79
N PRO A 54 -9.34 21.09 7.94
CA PRO A 54 -9.00 22.49 8.18
C PRO A 54 -10.21 23.30 8.61
N ASN A 55 -11.33 23.12 7.91
CA ASN A 55 -12.56 23.84 8.24
C ASN A 55 -13.21 23.33 9.53
N GLY A 56 -12.48 22.50 10.27
CA GLY A 56 -12.95 21.98 11.54
C GLY A 56 -14.19 21.10 11.42
N THR A 57 -13.99 19.86 11.02
CA THR A 57 -15.09 18.90 10.92
C THR A 57 -14.59 17.50 11.28
N ARG A 58 -15.38 16.79 12.08
CA ARG A 58 -15.00 15.46 12.55
C ARG A 58 -15.10 14.44 11.41
N VAL A 59 -14.00 13.75 11.15
CA VAL A 59 -13.89 12.87 9.99
C VAL A 59 -12.92 11.73 10.26
N PRO A 60 -13.10 10.60 9.57
CA PRO A 60 -12.15 9.48 9.64
C PRO A 60 -10.75 9.93 9.21
N MET A 61 -9.72 9.51 9.94
CA MET A 61 -8.36 9.89 9.62
C MET A 61 -8.07 9.56 8.16
N GLU A 62 -8.58 8.43 7.70
CA GLU A 62 -8.43 7.99 6.34
C GLU A 62 -8.71 9.13 5.36
N VAL A 63 -9.80 9.85 5.59
CA VAL A 63 -10.20 10.95 4.73
C VAL A 63 -9.18 12.08 4.77
N VAL A 64 -8.75 12.44 5.98
CA VAL A 64 -7.68 13.42 6.15
C VAL A 64 -6.42 13.02 5.35
N LEU A 65 -5.99 11.77 5.53
CA LEU A 65 -4.79 11.29 4.87
C LEU A 65 -4.94 11.29 3.34
N LEU A 66 -6.09 10.84 2.85
CA LEU A 66 -6.35 10.80 1.42
C LEU A 66 -6.30 12.18 0.78
N LYS A 67 -6.86 13.18 1.47
CA LYS A 67 -6.81 14.56 0.97
C LYS A 67 -5.38 15.06 0.84
N LYS A 68 -4.56 14.82 1.87
CA LYS A 68 -3.18 15.31 1.87
C LYS A 68 -2.42 14.70 0.69
N VAL A 69 -2.79 13.47 0.36
CA VAL A 69 -2.03 12.69 -0.57
C VAL A 69 -2.65 12.66 -1.97
N SER A 70 -3.90 13.11 -2.09
CA SER A 70 -4.63 13.01 -3.36
C SER A 70 -4.41 14.18 -4.30
N SER A 71 -3.65 15.18 -3.86
CA SER A 71 -3.30 16.29 -4.73
C SER A 71 -2.23 15.87 -5.74
N GLY A 72 -2.48 16.17 -7.00
CA GLY A 72 -1.54 15.86 -8.06
C GLY A 72 -1.68 14.45 -8.59
N PHE A 73 -0.75 14.07 -9.46
CA PHE A 73 -0.71 12.75 -10.05
C PHE A 73 0.17 11.84 -9.20
N SER A 74 -0.13 10.55 -9.22
CA SER A 74 0.84 9.58 -8.69
C SER A 74 0.33 8.14 -8.52
N GLY A 75 1.14 7.36 -7.81
CA GLY A 75 0.86 5.97 -7.54
C GLY A 75 0.01 5.76 -6.30
N VAL A 76 -0.82 6.75 -5.97
CA VAL A 76 -1.82 6.53 -4.92
C VAL A 76 -3.23 6.73 -5.46
N ILE A 77 -4.14 5.81 -5.14
CA ILE A 77 -5.54 5.95 -5.54
C ILE A 77 -6.12 7.23 -4.92
N ARG A 78 -6.66 8.09 -5.79
CA ARG A 78 -7.12 9.41 -5.36
C ARG A 78 -8.55 9.43 -4.80
N LEU A 79 -8.78 10.25 -3.78
CA LEU A 79 -10.11 10.47 -3.25
C LEU A 79 -10.83 11.53 -4.09
N LEU A 80 -11.91 11.14 -4.74
CA LEU A 80 -12.63 12.04 -5.65
C LEU A 80 -13.66 12.86 -4.90
N ASP A 81 -14.25 12.25 -3.88
CA ASP A 81 -15.29 12.91 -3.08
C ASP A 81 -15.59 12.03 -1.87
N TRP A 82 -16.35 12.57 -0.93
CA TRP A 82 -16.79 11.80 0.23
C TRP A 82 -18.08 12.37 0.77
N PHE A 83 -18.82 11.56 1.52
CA PHE A 83 -20.08 11.97 2.10
C PHE A 83 -20.19 11.43 3.50
N GLU A 84 -20.90 12.13 4.38
CA GLU A 84 -21.22 11.60 5.68
C GLU A 84 -22.67 11.14 5.72
N ARG A 85 -22.89 9.93 6.22
CA ARG A 85 -24.24 9.44 6.44
C ARG A 85 -24.47 9.28 7.94
N PRO A 86 -25.71 9.02 8.35
CA PRO A 86 -26.02 8.92 9.78
C PRO A 86 -25.09 7.99 10.55
N ASP A 87 -24.85 6.78 10.05
CA ASP A 87 -23.99 5.83 10.76
C ASP A 87 -22.77 5.39 9.97
N SER A 88 -22.42 6.12 8.92
CA SER A 88 -21.29 5.75 8.10
C SER A 88 -20.73 6.91 7.29
N PHE A 89 -19.49 6.73 6.83
CA PHE A 89 -18.91 7.62 5.83
C PHE A 89 -18.81 6.87 4.52
N VAL A 90 -19.01 7.59 3.42
CA VAL A 90 -18.89 7.01 2.09
C VAL A 90 -17.78 7.74 1.32
N LEU A 91 -16.83 6.99 0.78
CA LEU A 91 -15.72 7.59 0.04
C LEU A 91 -15.79 7.22 -1.44
N ILE A 92 -15.62 8.20 -2.31
CA ILE A 92 -15.59 7.95 -3.73
C ILE A 92 -14.14 7.98 -4.21
N LEU A 93 -13.68 6.84 -4.69
CA LEU A 93 -12.27 6.68 -5.02
C LEU A 93 -12.13 6.38 -6.50
N GLU A 94 -10.97 6.76 -7.04
CA GLU A 94 -10.58 6.43 -8.39
C GLU A 94 -10.67 4.92 -8.58
N ARG A 95 -11.13 4.47 -9.75
CA ARG A 95 -11.05 3.05 -10.08
C ARG A 95 -10.48 2.79 -11.48
N PRO A 96 -9.26 2.24 -11.54
CA PRO A 96 -8.63 1.88 -12.82
C PRO A 96 -9.32 0.67 -13.41
N GLU A 97 -9.22 0.51 -14.73
CA GLU A 97 -9.88 -0.60 -15.41
C GLU A 97 -9.22 -0.79 -16.78
N PRO A 98 -8.73 -2.00 -17.06
CA PRO A 98 -8.79 -3.18 -16.19
C PRO A 98 -7.74 -3.14 -15.09
N VAL A 99 -8.02 -3.79 -13.98
CA VAL A 99 -7.17 -3.75 -12.84
C VAL A 99 -7.12 -5.11 -12.18
N GLN A 100 -6.06 -5.39 -11.46
CA GLN A 100 -5.95 -6.57 -10.61
C GLN A 100 -5.03 -6.21 -9.46
N ASP A 101 -5.37 -6.63 -8.24
CA ASP A 101 -4.52 -6.29 -7.13
C ASP A 101 -3.27 -7.18 -7.15
N LEU A 102 -2.21 -6.74 -6.47
CA LEU A 102 -0.93 -7.43 -6.58
C LEU A 102 -1.00 -8.83 -5.97
N PHE A 103 -1.80 -8.97 -4.92
CA PHE A 103 -1.96 -10.27 -4.27
C PHE A 103 -2.51 -11.30 -5.25
N ASP A 104 -3.57 -10.95 -5.98
CA ASP A 104 -4.16 -11.88 -6.93
C ASP A 104 -3.21 -12.12 -8.08
N PHE A 105 -2.47 -11.08 -8.45
CA PHE A 105 -1.52 -11.18 -9.55
C PHE A 105 -0.43 -12.19 -9.23
N ILE A 106 0.13 -12.11 -8.02
CA ILE A 106 1.16 -13.03 -7.57
C ILE A 106 0.63 -14.47 -7.48
N THR A 107 -0.53 -14.62 -6.86
CA THR A 107 -1.19 -15.92 -6.74
C THR A 107 -1.32 -16.60 -8.10
N GLU A 108 -1.60 -15.80 -9.12
CA GLU A 108 -1.90 -16.30 -10.46
C GLU A 108 -0.61 -16.66 -11.21
N ARG A 109 0.41 -15.82 -11.07
CA ARG A 109 1.62 -15.98 -11.83
C ARG A 109 2.74 -16.64 -11.01
N GLY A 110 2.52 -16.80 -9.71
CA GLY A 110 3.57 -17.27 -8.83
C GLY A 110 4.68 -16.22 -8.70
N ALA A 111 5.85 -16.63 -8.23
CA ALA A 111 6.98 -15.70 -8.12
C ALA A 111 7.19 -14.89 -9.40
N LEU A 112 7.48 -13.60 -9.26
CA LEU A 112 7.64 -12.74 -10.42
C LEU A 112 9.08 -12.74 -10.92
N GLN A 113 9.25 -12.62 -12.24
CA GLN A 113 10.56 -12.32 -12.81
C GLN A 113 11.11 -11.05 -12.17
N GLU A 114 12.42 -11.02 -11.95
CA GLU A 114 13.03 -9.91 -11.25
C GLU A 114 12.83 -8.57 -11.98
N GLU A 115 12.86 -8.60 -13.31
CA GLU A 115 12.67 -7.39 -14.08
C GLU A 115 11.31 -6.79 -13.78
N LEU A 116 10.31 -7.65 -13.63
CA LEU A 116 8.96 -7.22 -13.33
C LEU A 116 8.88 -6.74 -11.88
N ALA A 117 9.47 -7.51 -10.96
CA ALA A 117 9.45 -7.14 -9.55
C ALA A 117 10.18 -5.83 -9.32
N ARG A 118 11.23 -5.59 -10.11
CA ARG A 118 11.99 -4.34 -10.01
C ARG A 118 11.09 -3.16 -10.37
N SER A 119 10.37 -3.29 -11.48
CA SER A 119 9.49 -2.23 -11.95
C SER A 119 8.36 -1.95 -10.96
N PHE A 120 7.73 -3.03 -10.47
CA PHE A 120 6.67 -2.91 -9.47
C PHE A 120 7.17 -2.30 -8.17
N PHE A 121 8.29 -2.83 -7.67
CA PHE A 121 8.83 -2.39 -6.40
C PHE A 121 9.24 -0.92 -6.46
N TRP A 122 9.88 -0.53 -7.57
CA TRP A 122 10.26 0.86 -7.79
C TRP A 122 9.05 1.78 -7.70
N GLN A 123 7.96 1.40 -8.39
CA GLN A 123 6.73 2.20 -8.35
C GLN A 123 6.12 2.28 -6.96
N VAL A 124 6.21 1.19 -6.20
CA VAL A 124 5.74 1.26 -4.82
C VAL A 124 6.60 2.25 -4.02
N LEU A 125 7.91 2.19 -4.23
CA LEU A 125 8.80 3.13 -3.55
C LEU A 125 8.44 4.59 -3.88
N GLU A 126 8.19 4.88 -5.15
CA GLU A 126 7.84 6.25 -5.52
C GLU A 126 6.55 6.69 -4.84
N ALA A 127 5.58 5.78 -4.78
CA ALA A 127 4.31 6.07 -4.13
C ALA A 127 4.46 6.35 -2.63
N VAL A 128 5.21 5.50 -1.94
CA VAL A 128 5.44 5.67 -0.51
C VAL A 128 6.20 6.97 -0.23
N ARG A 129 7.20 7.27 -1.06
CA ARG A 129 7.96 8.51 -0.92
C ARG A 129 7.01 9.70 -1.06
N HIS A 130 6.10 9.61 -2.02
CA HIS A 130 5.09 10.64 -2.21
C HIS A 130 4.22 10.82 -0.97
N CYS A 131 3.76 9.72 -0.37
CA CYS A 131 3.00 9.82 0.87
C CYS A 131 3.81 10.53 1.95
N HIS A 132 5.05 10.07 2.15
CA HIS A 132 5.89 10.67 3.18
C HIS A 132 6.14 12.15 2.94
N ASN A 133 6.30 12.55 1.68
CA ASN A 133 6.46 13.96 1.35
C ASN A 133 5.20 14.77 1.65
N CYS A 134 4.05 14.10 1.66
CA CYS A 134 2.79 14.76 1.96
C CYS A 134 2.43 14.67 3.43
N GLY A 135 3.35 14.19 4.26
CA GLY A 135 3.11 14.05 5.68
C GLY A 135 2.25 12.86 6.07
N VAL A 136 2.25 11.81 5.23
CA VAL A 136 1.37 10.66 5.48
C VAL A 136 2.13 9.33 5.58
N LEU A 137 1.84 8.56 6.62
CA LEU A 137 2.40 7.22 6.78
C LEU A 137 1.32 6.19 6.50
N HIS A 138 1.55 5.31 5.53
CA HIS A 138 0.54 4.33 5.13
C HIS A 138 0.30 3.23 6.18
N ARG A 139 1.38 2.62 6.66
CA ARG A 139 1.32 1.64 7.75
C ARG A 139 0.76 0.25 7.42
N ASP A 140 0.29 0.05 6.20
CA ASP A 140 -0.19 -1.29 5.82
C ASP A 140 0.22 -1.63 4.38
N ILE A 141 1.47 -1.35 4.06
CA ILE A 141 2.01 -1.65 2.74
C ILE A 141 2.05 -3.16 2.55
N LYS A 142 1.38 -3.66 1.51
CA LYS A 142 1.38 -5.09 1.19
C LYS A 142 0.68 -5.34 -0.14
N ASP A 143 0.82 -6.55 -0.67
CA ASP A 143 0.29 -6.87 -1.99
C ASP A 143 -1.21 -6.59 -2.14
N GLU A 144 -1.99 -6.85 -1.10
CA GLU A 144 -3.45 -6.62 -1.13
C GLU A 144 -3.83 -5.15 -1.20
N ASN A 145 -2.89 -4.27 -0.85
CA ASN A 145 -3.17 -2.84 -0.85
C ASN A 145 -2.48 -2.17 -2.01
N ILE A 146 -2.12 -2.95 -3.03
CA ILE A 146 -1.67 -2.34 -4.27
C ILE A 146 -2.42 -2.86 -5.51
N LEU A 147 -2.90 -1.91 -6.32
CA LEU A 147 -3.58 -2.23 -7.55
C LEU A 147 -2.66 -2.06 -8.73
N ILE A 148 -2.81 -2.95 -9.71
CA ILE A 148 -2.08 -2.87 -10.96
C ILE A 148 -3.05 -2.46 -12.07
N ASP A 149 -2.78 -1.33 -12.71
CA ASP A 149 -3.50 -0.94 -13.92
C ASP A 149 -2.88 -1.74 -15.06
N LEU A 150 -3.60 -2.74 -15.54
CA LEU A 150 -3.06 -3.71 -16.49
C LEU A 150 -2.73 -3.15 -17.87
N ASN A 151 -3.40 -2.08 -18.29
CA ASN A 151 -3.12 -1.46 -19.57
C ASN A 151 -1.88 -0.55 -19.55
N ARG A 152 -1.67 0.15 -18.44
CA ARG A 152 -0.61 1.16 -18.36
C ARG A 152 0.63 0.69 -17.59
N GLY A 153 0.51 -0.40 -16.85
CA GLY A 153 1.62 -0.94 -16.10
C GLY A 153 1.89 -0.17 -14.82
N GLU A 154 0.90 0.63 -14.39
CA GLU A 154 1.05 1.49 -13.22
C GLU A 154 0.45 0.87 -11.96
N LEU A 155 1.19 0.94 -10.85
CA LEU A 155 0.69 0.48 -9.55
C LEU A 155 0.10 1.62 -8.76
N LYS A 156 -0.90 1.31 -7.93
CA LYS A 156 -1.56 2.32 -7.11
C LYS A 156 -1.79 1.80 -5.70
N LEU A 157 -1.34 2.58 -4.73
CA LEU A 157 -1.49 2.26 -3.32
C LEU A 157 -2.93 2.53 -2.89
N ILE A 158 -3.55 1.58 -2.21
CA ILE A 158 -4.91 1.77 -1.70
C ILE A 158 -4.98 1.51 -0.21
N ASP A 159 -6.11 1.91 0.38
CA ASP A 159 -6.43 1.64 1.79
C ASP A 159 -5.53 2.38 2.79
N PHE A 160 -5.89 3.61 3.09
CA PHE A 160 -5.19 4.40 4.10
C PHE A 160 -5.89 4.38 5.46
N GLY A 161 -6.71 3.35 5.70
CA GLY A 161 -7.49 3.26 6.92
C GLY A 161 -6.68 2.87 8.15
N SER A 162 -5.43 2.47 7.96
CA SER A 162 -4.57 2.13 9.08
C SER A 162 -3.46 3.16 9.19
N GLY A 163 -3.55 4.21 8.38
CA GLY A 163 -2.48 5.18 8.28
C GLY A 163 -2.45 6.18 9.42
N ALA A 164 -1.48 7.08 9.38
CA ALA A 164 -1.37 8.14 10.37
C ALA A 164 -0.64 9.32 9.76
N LEU A 165 -0.72 10.47 10.42
CA LEU A 165 0.15 11.56 10.09
C LEU A 165 1.56 11.07 10.37
N LEU A 166 2.48 11.41 9.48
CA LEU A 166 3.88 11.06 9.67
C LEU A 166 4.52 11.96 10.74
N LYS A 167 5.28 11.36 11.65
CA LYS A 167 6.00 12.12 12.67
C LYS A 167 7.35 11.45 12.93
N ASP A 168 8.23 12.14 13.65
CA ASP A 168 9.57 11.63 13.89
C ASP A 168 9.70 10.93 15.25
N THR A 169 8.65 11.02 16.07
CA THR A 169 8.62 10.36 17.38
C THR A 169 8.05 8.95 17.24
N VAL A 170 8.06 8.18 18.34
CA VAL A 170 7.65 6.77 18.27
C VAL A 170 6.16 6.57 18.13
N TYR A 171 5.77 5.58 17.34
CA TYR A 171 4.39 5.11 17.33
C TYR A 171 4.23 3.98 18.34
N THR A 172 3.13 3.99 19.08
CA THR A 172 2.86 2.95 20.07
C THR A 172 1.56 2.24 19.78
N ASP A 173 1.00 2.49 18.60
CA ASP A 173 -0.20 1.80 18.14
C ASP A 173 0.06 1.28 16.72
N PHE A 174 -0.60 0.18 16.39
CA PHE A 174 -0.47 -0.43 15.07
C PHE A 174 -1.72 -1.26 14.78
N ASP A 175 -2.24 -1.14 13.56
CA ASP A 175 -3.45 -1.84 13.19
C ASP A 175 -3.33 -2.38 11.79
N GLY A 176 -2.09 -2.46 11.30
CA GLY A 176 -1.83 -3.03 9.99
C GLY A 176 -1.78 -4.55 10.06
N THR A 177 -1.10 -5.16 9.10
CA THR A 177 -1.03 -6.61 9.03
C THR A 177 0.19 -7.11 9.77
N ARG A 178 -0.05 -8.02 10.73
CA ARG A 178 1.01 -8.47 11.64
C ARG A 178 2.23 -9.06 10.93
N VAL A 179 2.01 -9.95 9.97
CA VAL A 179 3.11 -10.61 9.28
C VAL A 179 3.98 -9.65 8.48
N TYR A 180 3.52 -8.40 8.36
CA TYR A 180 4.27 -7.32 7.71
C TYR A 180 4.84 -6.33 8.72
N SER A 181 4.52 -6.53 10.00
CA SER A 181 5.03 -5.65 11.06
C SER A 181 6.43 -6.02 11.51
N PRO A 182 7.24 -5.02 11.89
CA PRO A 182 8.64 -5.24 12.21
C PRO A 182 8.83 -5.81 13.61
N PRO A 183 10.01 -6.39 13.86
CA PRO A 183 10.34 -7.06 15.12
C PRO A 183 10.22 -6.14 16.34
N GLU A 184 10.51 -4.85 16.17
CA GLU A 184 10.41 -3.90 17.27
C GLU A 184 8.96 -3.66 17.69
N TRP A 185 8.02 -3.82 16.76
CA TRP A 185 6.61 -3.75 17.15
C TRP A 185 6.24 -5.00 17.93
N ILE A 186 6.61 -6.16 17.38
CA ILE A 186 6.36 -7.45 18.02
C ILE A 186 6.91 -7.50 19.45
N ARG A 187 8.17 -7.07 19.61
CA ARG A 187 8.84 -7.14 20.90
C ARG A 187 8.47 -6.02 21.87
N TYR A 188 8.43 -4.79 21.37
CA TYR A 188 8.32 -3.61 22.24
C TYR A 188 7.05 -2.79 22.05
N HIS A 189 6.22 -3.13 21.06
CA HIS A 189 5.06 -2.32 20.74
C HIS A 189 5.46 -0.87 20.49
N ARG A 190 6.65 -0.67 19.92
CA ARG A 190 7.07 0.65 19.46
C ARG A 190 7.82 0.57 18.14
N TYR A 191 7.70 1.62 17.34
CA TYR A 191 8.43 1.69 16.08
C TYR A 191 8.44 3.13 15.60
N HIS A 192 9.34 3.41 14.66
CA HIS A 192 9.36 4.69 13.97
C HIS A 192 8.83 4.48 12.55
N GLY A 193 8.25 5.53 11.97
CA GLY A 193 7.48 5.38 10.74
C GLY A 193 8.26 4.85 9.55
N ARG A 194 9.30 5.58 9.19
CA ARG A 194 10.07 5.31 8.00
C ARG A 194 10.74 3.94 8.05
N SER A 195 11.35 3.64 9.19
CA SER A 195 12.04 2.37 9.32
C SER A 195 11.07 1.18 9.40
N ALA A 196 9.89 1.36 9.99
CA ALA A 196 8.87 0.31 9.94
C ALA A 196 8.38 0.12 8.51
N ALA A 197 8.29 1.22 7.77
CA ALA A 197 7.83 1.16 6.39
C ALA A 197 8.83 0.38 5.55
N VAL A 198 10.12 0.60 5.80
CA VAL A 198 11.15 -0.09 5.05
C VAL A 198 11.09 -1.60 5.29
N TRP A 199 10.81 -1.98 6.52
CA TRP A 199 10.64 -3.39 6.87
C TRP A 199 9.52 -4.02 6.03
N SER A 200 8.38 -3.33 5.94
CA SER A 200 7.25 -3.91 5.22
C SER A 200 7.59 -3.97 3.72
N LEU A 201 8.40 -3.03 3.26
CA LEU A 201 8.84 -3.04 1.86
C LEU A 201 9.73 -4.26 1.59
N GLY A 202 10.57 -4.62 2.54
CA GLY A 202 11.32 -5.86 2.48
C GLY A 202 10.45 -7.12 2.39
N ILE A 203 9.39 -7.17 3.20
CA ILE A 203 8.45 -8.30 3.13
C ILE A 203 7.79 -8.33 1.74
N LEU A 204 7.31 -7.17 1.32
CA LEU A 204 6.69 -7.04 0.01
C LEU A 204 7.60 -7.53 -1.13
N LEU A 205 8.86 -7.09 -1.13
CA LEU A 205 9.77 -7.45 -2.20
C LEU A 205 10.05 -8.96 -2.19
N TYR A 206 10.21 -9.52 -0.99
CA TYR A 206 10.40 -10.96 -0.83
C TYR A 206 9.17 -11.66 -1.42
N ASP A 207 8.00 -11.17 -1.04
CA ASP A 207 6.75 -11.75 -1.50
C ASP A 207 6.66 -11.77 -3.04
N MET A 208 7.08 -10.68 -3.67
CA MET A 208 7.09 -10.60 -5.13
C MET A 208 8.01 -11.64 -5.77
N VAL A 209 9.24 -11.76 -5.27
CA VAL A 209 10.20 -12.64 -5.93
C VAL A 209 10.15 -14.10 -5.46
N CYS A 210 9.43 -14.36 -4.38
CA CYS A 210 9.33 -15.75 -3.90
C CYS A 210 7.92 -16.28 -4.00
N GLY A 211 6.96 -15.39 -4.22
CA GLY A 211 5.57 -15.81 -4.35
C GLY A 211 4.92 -16.09 -3.02
N ASP A 212 5.59 -15.75 -1.93
CA ASP A 212 5.00 -15.87 -0.61
C ASP A 212 5.78 -15.04 0.42
N ILE A 213 5.17 -14.83 1.56
CA ILE A 213 5.70 -14.08 2.68
C ILE A 213 6.83 -14.82 3.39
N PRO A 214 7.89 -14.16 3.84
CA PRO A 214 9.02 -14.89 4.44
C PRO A 214 8.74 -15.39 5.87
N PHE A 215 7.95 -14.67 6.65
CA PHE A 215 7.71 -15.02 8.06
C PHE A 215 6.22 -15.23 8.32
N GLU A 216 5.88 -16.28 9.08
CA GLU A 216 4.49 -16.50 9.44
C GLU A 216 4.21 -16.28 10.93
N HIS A 217 5.16 -16.65 11.79
CA HIS A 217 4.97 -16.52 13.24
C HIS A 217 5.81 -15.39 13.85
N ASP A 218 5.38 -14.91 15.02
CA ASP A 218 6.12 -13.88 15.74
C ASP A 218 7.61 -14.20 15.91
N GLU A 219 7.91 -15.45 16.25
CA GLU A 219 9.28 -15.86 16.56
C GLU A 219 10.18 -15.82 15.32
N GLU A 220 9.60 -16.10 14.16
CA GLU A 220 10.34 -16.00 12.91
C GLU A 220 10.67 -14.55 12.58
N ILE A 221 9.71 -13.66 12.83
CA ILE A 221 9.92 -12.22 12.63
C ILE A 221 11.06 -11.74 13.53
N ILE A 222 10.98 -12.16 14.78
CA ILE A 222 11.96 -11.77 15.81
C ILE A 222 13.36 -12.30 15.51
N ARG A 223 13.43 -13.53 15.00
CA ARG A 223 14.70 -14.11 14.62
C ARG A 223 15.26 -13.42 13.37
N GLY A 224 14.38 -13.01 12.45
CA GLY A 224 14.79 -12.29 11.27
C GLY A 224 15.69 -13.03 10.27
N GLN A 225 15.70 -14.35 10.35
CA GLN A 225 16.49 -15.15 9.41
C GLN A 225 15.71 -15.38 8.12
N VAL A 226 16.24 -14.87 7.02
CA VAL A 226 15.57 -14.97 5.73
C VAL A 226 16.04 -16.20 4.95
N PHE A 227 15.11 -17.11 4.67
CA PHE A 227 15.39 -18.25 3.82
C PHE A 227 14.68 -18.05 2.48
N PHE A 228 15.41 -18.27 1.39
CA PHE A 228 14.85 -18.12 0.04
C PHE A 228 14.40 -19.44 -0.55
N ARG A 229 13.13 -19.49 -0.93
CA ARG A 229 12.52 -20.73 -1.40
C ARG A 229 12.52 -20.79 -2.92
N GLN A 230 12.83 -19.66 -3.55
CA GLN A 230 12.95 -19.57 -4.99
C GLN A 230 14.32 -19.03 -5.33
N ARG A 231 14.71 -19.23 -6.59
CA ARG A 231 15.95 -18.66 -7.11
C ARG A 231 15.81 -17.15 -7.16
N VAL A 232 16.72 -16.46 -6.49
CA VAL A 232 16.72 -15.01 -6.46
C VAL A 232 18.17 -14.55 -6.52
N SER A 233 18.45 -13.58 -7.38
CA SER A 233 19.82 -13.10 -7.58
C SER A 233 20.41 -12.62 -6.25
N SER A 234 21.73 -12.55 -6.17
CA SER A 234 22.41 -12.15 -4.95
C SER A 234 22.13 -10.68 -4.60
N GLU A 235 21.99 -9.84 -5.62
CA GLU A 235 21.73 -8.43 -5.41
C GLU A 235 20.38 -8.26 -4.74
N CYS A 236 19.38 -8.96 -5.29
CA CYS A 236 18.05 -8.89 -4.72
C CYS A 236 18.01 -9.46 -3.30
N GLN A 237 18.63 -10.62 -3.08
CA GLN A 237 18.70 -11.18 -1.73
C GLN A 237 19.32 -10.16 -0.75
N HIS A 238 20.37 -9.49 -1.20
CA HIS A 238 21.05 -8.51 -0.38
C HIS A 238 20.14 -7.32 -0.03
N LEU A 239 19.43 -6.79 -1.03
CA LEU A 239 18.52 -5.68 -0.76
C LEU A 239 17.42 -6.11 0.22
N ILE A 240 16.89 -7.30 0.02
CA ILE A 240 15.86 -7.80 0.93
C ILE A 240 16.37 -7.95 2.36
N ARG A 241 17.54 -8.56 2.52
CA ARG A 241 18.10 -8.77 3.84
C ARG A 241 18.43 -7.44 4.50
N TRP A 242 18.77 -6.45 3.69
CA TRP A 242 19.04 -5.11 4.19
C TRP A 242 17.74 -4.48 4.73
N CYS A 243 16.67 -4.53 3.95
CA CYS A 243 15.39 -3.97 4.41
C CYS A 243 14.88 -4.66 5.68
N LEU A 244 15.26 -5.93 5.83
CA LEU A 244 14.78 -6.75 6.95
C LEU A 244 15.82 -6.85 8.06
N ALA A 245 16.70 -5.87 8.15
CA ALA A 245 17.62 -5.82 9.29
C ALA A 245 16.81 -5.74 10.59
N LEU A 246 17.20 -6.53 11.58
CA LEU A 246 16.56 -6.53 12.89
C LEU A 246 16.61 -5.15 13.57
N ARG A 247 17.78 -4.52 13.56
CA ARG A 247 17.89 -3.18 14.12
C ARG A 247 17.34 -2.18 13.12
N PRO A 248 16.31 -1.41 13.53
CA PRO A 248 15.74 -0.39 12.65
C PRO A 248 16.83 0.51 12.01
N SER A 249 17.80 0.93 12.82
CA SER A 249 18.81 1.87 12.35
C SER A 249 19.73 1.24 11.30
N ASP A 250 19.72 -0.09 11.22
CA ASP A 250 20.50 -0.81 10.23
C ASP A 250 19.79 -0.92 8.88
N ARG A 251 18.55 -0.44 8.80
CA ARG A 251 17.79 -0.54 7.54
C ARG A 251 18.15 0.63 6.62
N PRO A 252 18.02 0.41 5.30
CA PRO A 252 18.31 1.45 4.32
C PRO A 252 17.27 2.56 4.37
N THR A 253 17.67 3.78 4.01
CA THR A 253 16.73 4.85 3.71
C THR A 253 16.10 4.59 2.33
N PHE A 254 15.06 5.34 1.98
CA PHE A 254 14.45 5.19 0.65
C PHE A 254 15.48 5.46 -0.43
N GLU A 255 16.32 6.46 -0.19
CA GLU A 255 17.34 6.84 -1.16
C GLU A 255 18.31 5.68 -1.37
N GLU A 256 18.71 5.04 -0.27
CA GLU A 256 19.64 3.91 -0.34
C GLU A 256 19.04 2.70 -1.05
N ILE A 257 17.75 2.48 -0.85
CA ILE A 257 17.05 1.42 -1.56
C ILE A 257 17.10 1.68 -3.08
N GLN A 258 16.73 2.89 -3.49
CA GLN A 258 16.67 3.24 -4.92
C GLN A 258 18.02 3.42 -5.60
N ASN A 259 19.07 3.64 -4.79
CA ASN A 259 20.43 3.65 -5.31
C ASN A 259 21.08 2.25 -5.27
N HIS A 260 20.35 1.26 -4.76
CA HIS A 260 20.90 -0.10 -4.69
C HIS A 260 21.12 -0.68 -6.09
N PRO A 261 22.21 -1.43 -6.28
CA PRO A 261 22.52 -2.01 -7.59
C PRO A 261 21.38 -2.84 -8.19
N TRP A 262 20.60 -3.53 -7.37
CA TRP A 262 19.49 -4.31 -7.91
C TRP A 262 18.41 -3.41 -8.50
N MET A 263 18.42 -2.15 -8.12
CA MET A 263 17.34 -1.23 -8.47
C MET A 263 17.63 -0.43 -9.75
N GLN A 264 18.80 -0.66 -10.34
CA GLN A 264 19.21 0.11 -11.52
C GLN A 264 18.48 -0.30 -12.81
N ASP A 265 18.34 0.66 -13.72
CA ASP A 265 17.74 0.42 -15.04
C ASP A 265 16.31 -0.12 -15.00
N VAL A 266 15.47 0.46 -14.17
CA VAL A 266 14.08 0.02 -14.09
C VAL A 266 13.33 0.29 -15.41
N LEU A 267 12.37 -0.56 -15.72
CA LEU A 267 11.53 -0.34 -16.89
C LEU A 267 10.54 0.78 -16.59
N LEU A 268 10.14 1.51 -17.62
CA LEU A 268 9.00 2.42 -17.50
C LEU A 268 7.74 1.59 -17.33
N PRO A 269 6.69 2.18 -16.72
CA PRO A 269 5.44 1.43 -16.54
C PRO A 269 4.90 0.85 -17.86
N GLN A 270 4.86 1.68 -18.90
CA GLN A 270 4.33 1.25 -20.19
C GLN A 270 5.16 0.12 -20.83
N GLU A 271 6.49 0.23 -20.75
CA GLU A 271 7.34 -0.88 -21.18
C GLU A 271 7.00 -2.12 -20.36
N THR A 272 6.74 -1.93 -19.08
CA THR A 272 6.47 -3.05 -18.19
C THR A 272 5.20 -3.79 -18.64
N ALA A 273 4.18 -3.04 -19.02
CA ALA A 273 2.91 -3.65 -19.43
C ALA A 273 3.08 -4.40 -20.76
N GLU A 274 3.79 -3.78 -21.71
CA GLU A 274 3.97 -4.40 -23.02
C GLU A 274 4.74 -5.71 -22.95
N ILE A 275 5.77 -5.76 -22.12
CA ILE A 275 6.59 -6.96 -21.99
C ILE A 275 5.95 -8.03 -21.11
N HIS A 276 5.38 -7.61 -19.99
CA HIS A 276 4.98 -8.54 -18.95
C HIS A 276 3.47 -8.66 -18.75
N LEU A 277 2.72 -7.68 -19.22
CA LEU A 277 1.31 -7.60 -18.86
C LEU A 277 0.36 -7.87 -20.02
N HIS A 278 0.77 -7.54 -21.24
CA HIS A 278 -0.06 -7.77 -22.42
C HIS A 278 0.13 -9.18 -22.94
P PO4 B . 13.08 10.66 0.31
O1 PO4 B . 13.87 9.46 -0.14
O2 PO4 B . 11.77 10.73 -0.45
O3 PO4 B . 12.83 10.60 1.80
O4 PO4 B . 13.83 11.93 0.00
C7 971 C . -9.76 -0.72 0.48
C9 971 C . -10.07 -0.27 -2.97
N2 971 C . -9.24 -1.92 0.45
C10 971 C . -10.24 -0.96 -4.12
C4 971 C . -10.26 -2.29 -1.72
N5 971 C . -9.94 -0.90 -1.79
C6 971 C . -10.46 -0.16 -0.69
C1 971 C . -8.56 -2.40 1.63
C3 971 C . -9.30 -2.83 -0.67
O8 971 C . -9.67 -0.04 1.43
C11 971 C . -10.33 -0.22 -5.27
C12 971 C . -10.23 1.15 -5.20
C13 971 C . -10.06 1.74 -3.99
N14 971 C . -9.97 1.02 -2.93
N15 971 C . -10.35 1.62 -6.45
N17 971 C . -10.49 0.58 -7.31
C18 971 C . -10.50 -0.52 -6.65
C19 971 C . -10.65 -1.83 -7.25
C20 971 C . -10.86 -1.92 -8.60
C21 971 C . -11.01 -3.12 -9.19
C22 971 C . -10.96 -4.23 -8.40
C23 971 C . -10.75 -4.05 -7.06
N24 971 C . -10.61 -2.90 -6.53
N25 971 C . -10.71 -5.12 -6.24
C26 971 C . -9.92 -4.82 -5.07
C27 971 C . -10.15 -5.94 -4.08
N28 971 C . -9.67 -7.15 -4.72
C29 971 C . -10.51 -7.44 -5.87
C30 971 C . -10.29 -6.34 -6.88
H16 971 C . -10.32 2.54 -6.71
#